data_4I91
#
_entry.id   4I91
#
_cell.length_a   77.059
_cell.length_b   77.059
_cell.length_c   201.847
_cell.angle_alpha   90.00
_cell.angle_beta   90.00
_cell.angle_gamma   120.00
#
_symmetry.space_group_name_H-M   'P 32 2 1'
#
loop_
_entity.id
_entity.type
_entity.pdbx_description
1 polymer 'Cytochrome P450 2B6'
2 non-polymer 'PROTOPORPHYRIN IX CONTAINING FE'
3 non-polymer beta-D-fructofuranose
4 non-polymer 5-CYCLOHEXYL-1-PENTYL-BETA-D-MALTOSIDE
5 non-polymer (+)-alpha-Pinene
6 water water
#
_entity_poly.entity_id   1
_entity_poly.type   'polypeptide(L)'
_entity_poly.pdbx_seq_one_letter_code
;MAKKTSSKGKLPPGPRPLPLLGNLLQMDRRGLLKSFLRFREKYGDVFTVHLGPRPVVMLCGVEAIREALVDKAEAFSGRG
KIAMVDPFFRGYGVIFANGNRWKVLRRFSVTTMRDFGMGKRSVEERIQEEAQCLIEELRKSKGALMDPTFLFQSITANII
CSIVFGKRFHYQDQEFLKMLNLFYQTFSLISSVFGQLFELFSGFLKHFPGAHRQVYKNLQEINAYIGHSVEKHRETLDPS
APRDLIDTYLLHMEKEKSNAHSEFSHQNLNLNTLSLFFAGTETTSTTLRYGFLLMLKYPHVAERVYREIEQVIGPHRPPE
LHDRAKMPYTEAVIYEIQRFSDLLPMGVPHIVTQHTSFRGYIIPKDTEVFLILSTALHDPHYFEKPDAFNPDHFLDANGA
LKKTEAFIPFSLGKRICLGEGIARAELFLFFTTILQNFSMASPVAPEDIDLTPQECGVGKIPPTYQIRFLPRHHHH
;
_entity_poly.pdbx_strand_id   A
#
loop_
_chem_comp.id
_chem_comp.type
_chem_comp.name
_chem_comp.formula
CM5 non-polymer 5-CYCLOHEXYL-1-PENTYL-BETA-D-MALTOSIDE 'C23 H42 O11'
FRU D-saccharide, beta linking beta-D-fructofuranose 'C6 H12 O6'
HEM non-polymer 'PROTOPORPHYRIN IX CONTAINING FE' 'C34 H32 Fe N4 O4'
TMH non-polymer (+)-alpha-Pinene 'C10 H16'
#
# COMPACT_ATOMS: atom_id res chain seq x y z
N GLY A 9 -1.39 -18.02 -29.69
CA GLY A 9 -2.67 -18.64 -30.16
C GLY A 9 -3.43 -19.30 -29.02
N LYS A 10 -2.75 -19.43 -27.88
CA LYS A 10 -3.33 -19.98 -26.67
C LYS A 10 -2.81 -19.15 -25.50
N LEU A 11 -3.09 -19.60 -24.24
CA LEU A 11 -2.57 -18.91 -23.06
C LEU A 11 -1.05 -19.08 -22.98
N PRO A 12 -0.38 -18.18 -22.26
CA PRO A 12 1.07 -18.32 -22.03
C PRO A 12 1.37 -19.65 -21.33
N PRO A 13 2.56 -20.26 -21.72
CA PRO A 13 2.87 -21.60 -21.23
C PRO A 13 3.06 -21.60 -19.71
N GLY A 14 3.10 -22.78 -19.11
CA GLY A 14 3.31 -22.89 -17.68
C GLY A 14 3.31 -24.32 -17.21
N PRO A 15 3.45 -24.53 -15.89
CA PRO A 15 3.44 -25.88 -15.34
C PRO A 15 2.10 -26.59 -15.61
N ARG A 16 2.20 -27.87 -15.94
CA ARG A 16 1.06 -28.73 -16.24
C ARG A 16 0.19 -28.85 -14.99
N PRO A 17 -1.09 -28.46 -15.08
CA PRO A 17 -1.99 -28.51 -13.93
C PRO A 17 -2.67 -29.86 -13.76
N LEU A 18 -3.16 -30.12 -12.54
CA LEU A 18 -4.04 -31.25 -12.24
C LEU A 18 -5.47 -30.76 -12.01
N PRO A 19 -6.47 -31.57 -12.40
CA PRO A 19 -7.85 -31.25 -12.00
C PRO A 19 -7.97 -31.09 -10.48
N LEU A 20 -8.86 -30.19 -10.05
CA LEU A 20 -9.05 -29.83 -8.64
C LEU A 20 -7.91 -29.02 -8.04
N LEU A 21 -6.70 -29.55 -8.10
CA LEU A 21 -5.54 -28.98 -7.41
C LEU A 21 -4.79 -27.89 -8.20
N GLY A 22 -5.05 -27.80 -9.50
CA GLY A 22 -4.34 -26.86 -10.36
C GLY A 22 -2.87 -27.19 -10.31
N ASN A 23 -2.03 -26.17 -10.04
CA ASN A 23 -0.59 -26.38 -9.93
C ASN A 23 -0.08 -26.54 -8.50
N LEU A 24 -0.96 -26.89 -7.56
CA LEU A 24 -0.57 -27.02 -6.15
C LEU A 24 0.73 -27.78 -5.90
N LEU A 25 0.87 -28.95 -6.52
CA LEU A 25 2.01 -29.83 -6.21
C LEU A 25 3.33 -29.32 -6.80
N GLN A 26 3.26 -28.28 -7.62
CA GLN A 26 4.46 -27.64 -8.16
C GLN A 26 4.83 -26.35 -7.42
N MET A 27 3.98 -25.93 -6.48
CA MET A 27 4.21 -24.71 -5.71
C MET A 27 5.31 -24.88 -4.67
N ASP A 28 5.84 -23.75 -4.21
CA ASP A 28 6.88 -23.71 -3.19
C ASP A 28 6.27 -23.37 -1.83
N ARG A 29 6.64 -24.12 -0.80
CA ARG A 29 6.10 -23.94 0.56
C ARG A 29 6.36 -22.57 1.14
N ARG A 30 7.30 -21.84 0.55
CA ARG A 30 7.66 -20.50 1.04
C ARG A 30 6.62 -19.45 0.64
N GLY A 31 5.69 -19.81 -0.24
CA GLY A 31 4.57 -18.94 -0.61
C GLY A 31 4.37 -18.73 -2.10
N LEU A 32 3.39 -17.88 -2.43
CA LEU A 32 3.02 -17.61 -3.82
C LEU A 32 4.17 -16.97 -4.63
N LEU A 33 4.77 -15.92 -4.07
CA LEU A 33 5.82 -15.20 -4.80
C LEU A 33 6.99 -16.11 -5.15
N LYS A 34 7.50 -16.84 -4.16
CA LYS A 34 8.59 -17.81 -4.39
C LYS A 34 8.23 -18.81 -5.47
N SER A 35 7.01 -19.36 -5.38
CA SER A 35 6.49 -20.28 -6.39
C SER A 35 6.60 -19.69 -7.79
N PHE A 36 6.09 -18.47 -7.98
CA PHE A 36 6.05 -17.83 -9.29
C PHE A 36 7.45 -17.49 -9.79
N LEU A 37 8.34 -17.13 -8.86
CA LEU A 37 9.74 -16.84 -9.22
C LEU A 37 10.46 -18.09 -9.74
N ARG A 38 10.14 -19.25 -9.16
CA ARG A 38 10.64 -20.54 -9.64
C ARG A 38 10.10 -20.87 -11.03
N PHE A 39 8.82 -20.59 -11.26
CA PHE A 39 8.24 -20.76 -12.60
C PHE A 39 8.86 -19.81 -13.62
N ARG A 40 9.18 -18.60 -13.19
CA ARG A 40 9.83 -17.62 -14.08
C ARG A 40 11.18 -18.14 -14.60
N GLU A 41 11.91 -18.85 -13.76
CA GLU A 41 13.20 -19.45 -14.16
C GLU A 41 13.03 -20.31 -15.41
N LYS A 42 11.98 -21.12 -15.41
CA LYS A 42 11.72 -22.06 -16.48
C LYS A 42 11.01 -21.43 -17.68
N TYR A 43 9.97 -20.63 -17.42
CA TYR A 43 9.08 -20.16 -18.48
C TYR A 43 9.36 -18.74 -18.99
N GLY A 44 10.17 -17.98 -18.26
CA GLY A 44 10.43 -16.59 -18.65
C GLY A 44 9.42 -15.64 -18.02
N ASP A 45 9.23 -14.48 -18.65
CA ASP A 45 8.50 -13.37 -18.02
C ASP A 45 6.98 -13.42 -18.15
N VAL A 46 6.47 -14.32 -18.99
CA VAL A 46 5.03 -14.38 -19.26
C VAL A 46 4.58 -15.83 -19.18
N PHE A 47 3.83 -16.17 -18.14
CA PHE A 47 3.39 -17.55 -17.91
C PHE A 47 2.05 -17.68 -17.18
N THR A 48 1.45 -18.86 -17.30
CA THR A 48 0.16 -19.16 -16.67
C THR A 48 0.35 -20.10 -15.48
N VAL A 49 -0.28 -19.77 -14.36
CA VAL A 49 -0.34 -20.66 -13.20
C VAL A 49 -1.81 -20.92 -12.85
N HIS A 50 -2.13 -22.19 -12.60
CA HIS A 50 -3.47 -22.57 -12.17
C HIS A 50 -3.52 -22.57 -10.65
N LEU A 51 -4.16 -21.54 -10.11
CA LEU A 51 -4.35 -21.39 -8.67
C LEU A 51 -5.70 -22.04 -8.35
N GLY A 52 -5.65 -23.27 -7.87
CA GLY A 52 -6.85 -24.08 -7.76
C GLY A 52 -7.54 -24.15 -9.12
N PRO A 53 -8.81 -23.73 -9.19
CA PRO A 53 -9.63 -23.88 -10.39
C PRO A 53 -9.44 -22.78 -11.44
N ARG A 54 -8.62 -21.77 -11.15
CA ARG A 54 -8.51 -20.61 -12.02
C ARG A 54 -7.11 -20.40 -12.65
N PRO A 55 -7.08 -20.18 -13.98
CA PRO A 55 -5.85 -19.81 -14.67
C PRO A 55 -5.52 -18.34 -14.38
N VAL A 56 -4.29 -18.08 -13.96
CA VAL A 56 -3.82 -16.72 -13.74
C VAL A 56 -2.55 -16.50 -14.55
N VAL A 57 -2.54 -15.44 -15.35
CA VAL A 57 -1.34 -15.07 -16.11
C VAL A 57 -0.42 -14.17 -15.27
N MET A 58 0.85 -14.55 -15.19
CA MET A 58 1.85 -13.78 -14.46
C MET A 58 2.69 -12.99 -15.46
N LEU A 59 2.85 -11.70 -15.20
CA LEU A 59 3.72 -10.85 -16.00
C LEU A 59 4.87 -10.33 -15.13
N CYS A 60 6.10 -10.56 -15.58
CA CYS A 60 7.29 -10.20 -14.81
C CYS A 60 8.15 -9.21 -15.57
N GLY A 61 8.89 -8.38 -14.82
CA GLY A 61 9.78 -7.40 -15.43
C GLY A 61 9.04 -6.14 -15.88
N VAL A 62 9.75 -5.01 -15.87
CA VAL A 62 9.08 -3.74 -16.15
C VAL A 62 8.57 -3.65 -17.60
N GLU A 63 9.32 -4.23 -18.55
CA GLU A 63 8.90 -4.22 -19.96
C GLU A 63 7.53 -4.87 -20.17
N ALA A 64 7.36 -6.11 -19.69
CA ALA A 64 6.09 -6.82 -19.84
C ALA A 64 4.95 -6.11 -19.09
N ILE A 65 5.24 -5.66 -17.88
CA ILE A 65 4.25 -4.99 -17.03
C ILE A 65 3.77 -3.66 -17.65
N ARG A 66 4.71 -2.83 -18.10
CA ARG A 66 4.39 -1.56 -18.77
C ARG A 66 3.63 -1.81 -20.07
N GLU A 67 4.06 -2.80 -20.85
CA GLU A 67 3.37 -3.14 -22.10
C GLU A 67 1.90 -3.51 -21.84
N ALA A 68 1.65 -4.25 -20.77
CA ALA A 68 0.28 -4.60 -20.41
C ALA A 68 -0.52 -3.40 -19.89
N LEU A 69 0.02 -2.71 -18.87
CA LEU A 69 -0.74 -1.69 -18.15
C LEU A 69 -0.82 -0.35 -18.88
N VAL A 70 0.23 -0.01 -19.63
CA VAL A 70 0.27 1.28 -20.34
C VAL A 70 -0.13 1.13 -21.81
N ASP A 71 0.60 0.32 -22.56
CA ASP A 71 0.34 0.14 -23.99
C ASP A 71 -0.99 -0.57 -24.28
N LYS A 72 -1.40 -1.45 -23.38
CA LYS A 72 -2.63 -2.21 -23.59
C LYS A 72 -3.66 -1.98 -22.48
N ALA A 73 -3.76 -0.72 -22.05
CA ALA A 73 -4.65 -0.32 -20.96
C ALA A 73 -6.13 -0.63 -21.24
N GLU A 74 -6.50 -0.67 -22.51
CA GLU A 74 -7.90 -0.97 -22.89
C GLU A 74 -8.30 -2.40 -22.52
N ALA A 75 -7.32 -3.27 -22.32
CA ALA A 75 -7.57 -4.67 -21.99
C ALA A 75 -7.20 -5.06 -20.55
N PHE A 76 -6.11 -4.49 -20.02
CA PHE A 76 -5.53 -4.96 -18.75
C PHE A 76 -5.91 -4.14 -17.52
N SER A 77 -6.89 -3.26 -17.64
CA SER A 77 -7.21 -2.34 -16.55
C SER A 77 -8.31 -2.82 -15.59
N GLY A 78 -8.74 -4.06 -15.76
CA GLY A 78 -9.74 -4.64 -14.86
C GLY A 78 -9.14 -5.00 -13.52
N ARG A 79 -9.99 -5.08 -12.50
CA ARG A 79 -9.57 -5.47 -11.17
C ARG A 79 -10.00 -6.90 -10.88
N GLY A 80 -9.05 -7.72 -10.42
CA GLY A 80 -9.31 -9.10 -10.03
C GLY A 80 -9.67 -9.18 -8.55
N LYS A 81 -9.78 -10.39 -8.03
CA LYS A 81 -10.14 -10.58 -6.62
C LYS A 81 -8.97 -10.98 -5.74
N ILE A 82 -9.03 -10.53 -4.49
CA ILE A 82 -8.21 -11.10 -3.43
C ILE A 82 -9.19 -11.93 -2.62
N ALA A 83 -9.02 -13.25 -2.67
CA ALA A 83 -10.00 -14.18 -2.10
C ALA A 83 -10.31 -13.92 -0.62
N MET A 84 -9.31 -13.52 0.16
CA MET A 84 -9.50 -13.28 1.59
C MET A 84 -10.46 -12.11 1.92
N VAL A 85 -10.56 -11.13 1.01
CA VAL A 85 -11.37 -9.93 1.28
C VAL A 85 -12.57 -9.76 0.35
N ASP A 86 -12.59 -10.52 -0.73
CA ASP A 86 -13.72 -10.45 -1.67
C ASP A 86 -15.09 -10.62 -1.01
N PRO A 87 -15.23 -11.58 -0.04
CA PRO A 87 -16.56 -11.74 0.55
C PRO A 87 -17.02 -10.49 1.29
N PHE A 88 -16.09 -9.64 1.71
CA PHE A 88 -16.46 -8.41 2.38
C PHE A 88 -16.74 -7.28 1.39
N PHE A 89 -15.79 -7.02 0.50
CA PHE A 89 -15.89 -5.87 -0.39
C PHE A 89 -16.88 -6.07 -1.52
N ARG A 90 -16.92 -7.29 -2.07
CA ARG A 90 -17.93 -7.68 -3.06
C ARG A 90 -18.04 -6.68 -4.21
N GLY A 91 -16.90 -6.15 -4.65
CA GLY A 91 -16.89 -5.23 -5.76
C GLY A 91 -17.31 -3.81 -5.45
N TYR A 92 -17.50 -3.48 -4.16
CA TYR A 92 -17.80 -2.09 -3.76
C TYR A 92 -16.53 -1.33 -3.38
N GLY A 93 -16.56 -0.01 -3.56
CA GLY A 93 -15.41 0.85 -3.27
C GLY A 93 -14.45 0.89 -4.45
N VAL A 94 -13.59 1.91 -4.48
CA VAL A 94 -12.74 2.13 -5.64
C VAL A 94 -11.71 1.00 -5.89
N ILE A 95 -11.11 0.43 -4.84
CA ILE A 95 -10.10 -0.62 -5.04
C ILE A 95 -10.69 -1.82 -5.79
N PHE A 96 -11.86 -2.27 -5.36
CA PHE A 96 -12.39 -3.53 -5.88
C PHE A 96 -13.49 -3.41 -6.92
N ALA A 97 -13.79 -2.17 -7.29
CA ALA A 97 -14.76 -1.89 -8.35
C ALA A 97 -14.22 -2.14 -9.76
N ASN A 98 -15.14 -2.50 -10.65
CA ASN A 98 -14.89 -2.56 -12.08
C ASN A 98 -15.88 -1.69 -12.84
N GLY A 99 -15.63 -1.55 -14.15
CA GLY A 99 -16.61 -0.93 -15.07
C GLY A 99 -16.97 0.49 -14.71
N ASN A 100 -18.23 0.85 -14.95
CA ASN A 100 -18.67 2.22 -14.66
C ASN A 100 -18.60 2.58 -13.17
N ARG A 101 -18.85 1.62 -12.29
CA ARG A 101 -18.69 1.88 -10.87
C ARG A 101 -17.29 2.42 -10.57
N TRP A 102 -16.28 1.72 -11.08
CA TRP A 102 -14.90 2.15 -10.87
C TRP A 102 -14.66 3.54 -11.45
N LYS A 103 -15.14 3.78 -12.67
CA LYS A 103 -14.97 5.09 -13.32
C LYS A 103 -15.46 6.20 -12.40
N VAL A 104 -16.66 6.02 -11.86
CA VAL A 104 -17.31 7.02 -11.01
C VAL A 104 -16.58 7.22 -9.67
N LEU A 105 -16.25 6.11 -9.01
CA LEU A 105 -15.61 6.16 -7.70
C LEU A 105 -14.16 6.63 -7.78
N ARG A 106 -13.45 6.25 -8.83
CA ARG A 106 -12.09 6.72 -9.07
C ARG A 106 -12.09 8.24 -9.28
N ARG A 107 -12.94 8.70 -10.20
CA ARG A 107 -13.06 10.13 -10.46
C ARG A 107 -13.40 10.89 -9.17
N PHE A 108 -14.41 10.42 -8.44
CA PHE A 108 -14.79 11.03 -7.18
C PHE A 108 -13.63 11.06 -6.17
N SER A 109 -12.95 9.93 -6.01
CA SER A 109 -11.92 9.77 -5.00
C SER A 109 -10.70 10.64 -5.31
N VAL A 110 -10.28 10.63 -6.58
CA VAL A 110 -9.16 11.47 -7.02
C VAL A 110 -9.43 12.94 -6.74
N THR A 111 -10.62 13.42 -7.13
CA THR A 111 -11.00 14.81 -6.90
C THR A 111 -11.03 15.19 -5.42
N THR A 112 -11.64 14.34 -4.59
CA THR A 112 -11.80 14.64 -3.17
C THR A 112 -10.55 14.38 -2.30
N MET A 113 -9.62 13.57 -2.81
CA MET A 113 -8.33 13.34 -2.12
C MET A 113 -7.29 14.44 -2.42
N ARG A 114 -7.66 15.40 -3.26
CA ARG A 114 -6.76 16.50 -3.61
C ARG A 114 -7.38 17.90 -3.47
N ASP A 115 -8.69 18.01 -3.74
CA ASP A 115 -9.39 19.29 -3.59
C ASP A 115 -10.25 19.31 -2.35
N PHE A 116 -9.88 20.17 -1.40
CA PHE A 116 -10.54 20.21 -0.11
C PHE A 116 -11.41 21.46 0.04
N GLY A 117 -11.27 22.40 -0.89
CA GLY A 117 -12.07 23.62 -0.91
C GLY A 117 -11.32 24.83 -0.38
N MET A 118 -11.96 25.99 -0.50
CA MET A 118 -11.37 27.26 -0.03
C MET A 118 -11.23 27.27 1.49
N GLY A 119 -10.09 27.77 1.96
CA GLY A 119 -9.81 27.89 3.40
C GLY A 119 -9.49 26.59 4.12
N LYS A 120 -9.27 25.52 3.36
CA LYS A 120 -8.89 24.23 3.93
C LYS A 120 -7.40 24.00 3.75
N ARG A 121 -6.81 23.20 4.64
CA ARG A 121 -5.38 22.91 4.58
C ARG A 121 -4.99 22.04 3.38
N SER A 122 -3.79 22.28 2.86
CA SER A 122 -3.23 21.44 1.84
C SER A 122 -2.83 20.09 2.46
N VAL A 123 -2.65 19.07 1.61
CA VAL A 123 -2.06 17.80 2.03
C VAL A 123 -0.76 18.06 2.82
N GLU A 124 0.12 18.89 2.25
CA GLU A 124 1.42 19.20 2.88
C GLU A 124 1.28 19.67 4.33
N GLU A 125 0.41 20.65 4.55
CA GLU A 125 0.20 21.23 5.88
C GLU A 125 -0.38 20.22 6.87
N ARG A 126 -1.31 19.39 6.42
CA ARG A 126 -1.87 18.29 7.22
C ARG A 126 -0.75 17.36 7.71
N ILE A 127 0.15 16.98 6.82
CA ILE A 127 1.28 16.10 7.17
C ILE A 127 2.26 16.81 8.11
N GLN A 128 2.58 18.06 7.81
CA GLN A 128 3.49 18.83 8.66
C GLN A 128 2.96 18.96 10.08
N GLU A 129 1.66 19.21 10.22
CA GLU A 129 1.04 19.29 11.54
C GLU A 129 1.08 17.95 12.26
N GLU A 130 0.72 16.88 11.55
CA GLU A 130 0.79 15.54 12.14
C GLU A 130 2.22 15.18 12.57
N ALA A 131 3.20 15.57 11.75
CA ALA A 131 4.61 15.34 12.08
C ALA A 131 4.99 16.02 13.39
N GLN A 132 4.47 17.23 13.63
CA GLN A 132 4.75 17.93 14.89
C GLN A 132 4.09 17.25 16.08
N CYS A 133 2.87 16.72 15.89
CA CYS A 133 2.22 15.92 16.93
C CYS A 133 3.08 14.68 17.26
N LEU A 134 3.60 14.04 16.23
CA LEU A 134 4.43 12.84 16.40
C LEU A 134 5.71 13.16 17.17
N ILE A 135 6.41 14.23 16.78
CA ILE A 135 7.64 14.62 17.49
C ILE A 135 7.35 14.86 18.97
N GLU A 136 6.23 15.50 19.26
CA GLU A 136 5.84 15.78 20.63
C GLU A 136 5.65 14.47 21.38
N GLU A 137 4.90 13.54 20.78
CA GLU A 137 4.68 12.23 21.39
C GLU A 137 6.01 11.50 21.66
N LEU A 138 6.90 11.51 20.68
CA LEU A 138 8.21 10.84 20.82
C LEU A 138 9.08 11.48 21.91
N ARG A 139 9.03 12.81 22.02
CA ARG A 139 9.68 13.50 23.12
C ARG A 139 9.14 13.04 24.48
N LYS A 140 7.82 12.88 24.57
CA LYS A 140 7.17 12.41 25.79
C LYS A 140 7.33 10.90 26.02
N SER A 141 7.95 10.22 25.06
CA SER A 141 8.15 8.77 25.19
C SER A 141 9.35 8.42 26.08
N LYS A 142 10.12 9.43 26.49
CA LYS A 142 11.14 9.25 27.53
C LYS A 142 12.26 8.29 27.10
N GLY A 143 12.56 8.25 25.80
CA GLY A 143 13.57 7.33 25.23
C GLY A 143 13.29 5.85 25.47
N ALA A 144 12.04 5.54 25.83
CA ALA A 144 11.64 4.17 26.09
C ALA A 144 11.63 3.33 24.81
N LEU A 145 11.83 2.03 24.99
CA LEU A 145 11.69 1.07 23.91
C LEU A 145 10.23 0.99 23.51
N MET A 146 9.97 0.88 22.21
CA MET A 146 8.62 0.68 21.71
C MET A 146 8.67 -0.10 20.42
N ASP A 147 7.61 -0.84 20.13
CA ASP A 147 7.32 -1.23 18.76
C ASP A 147 6.58 -0.04 18.13
N PRO A 148 7.17 0.57 17.09
CA PRO A 148 6.63 1.82 16.57
C PRO A 148 5.39 1.68 15.68
N THR A 149 4.92 0.45 15.46
CA THR A 149 3.79 0.21 14.57
C THR A 149 2.59 1.11 14.85
N PHE A 150 2.14 1.18 16.11
CA PHE A 150 0.96 1.98 16.45
C PHE A 150 1.09 3.45 16.04
N LEU A 151 2.29 4.00 16.20
CA LEU A 151 2.51 5.41 15.87
C LEU A 151 2.61 5.65 14.37
N PHE A 152 3.27 4.73 13.66
CA PHE A 152 3.33 4.82 12.22
C PHE A 152 1.94 4.68 11.61
N GLN A 153 1.12 3.82 12.19
CA GLN A 153 -0.27 3.70 11.78
C GLN A 153 -1.08 4.96 12.13
N SER A 154 -0.89 5.49 13.33
CA SER A 154 -1.65 6.68 13.76
C SER A 154 -1.42 7.87 12.85
N ILE A 155 -0.16 8.16 12.55
CA ILE A 155 0.16 9.35 11.75
C ILE A 155 -0.37 9.26 10.32
N THR A 156 -0.29 8.09 9.71
CA THR A 156 -0.77 7.90 8.34
C THR A 156 -2.29 7.83 8.32
N ALA A 157 -2.89 7.14 9.29
CA ALA A 157 -4.36 7.11 9.40
C ALA A 157 -4.92 8.52 9.59
N ASN A 158 -4.26 9.32 10.43
CA ASN A 158 -4.71 10.69 10.68
C ASN A 158 -4.71 11.60 9.44
N ILE A 159 -3.81 11.36 8.50
CA ILE A 159 -3.83 12.13 7.23
C ILE A 159 -5.15 11.86 6.48
N ILE A 160 -5.49 10.59 6.31
CA ILE A 160 -6.75 10.21 5.65
C ILE A 160 -7.96 10.67 6.45
N CYS A 161 -7.90 10.52 7.78
CA CYS A 161 -8.99 10.95 8.64
C CYS A 161 -9.29 12.44 8.47
N SER A 162 -8.25 13.26 8.34
CA SER A 162 -8.44 14.71 8.20
C SER A 162 -9.19 15.05 6.92
N ILE A 163 -8.96 14.25 5.87
CA ILE A 163 -9.64 14.43 4.59
C ILE A 163 -11.07 13.85 4.61
N VAL A 164 -11.21 12.65 5.17
CA VAL A 164 -12.48 11.92 5.12
C VAL A 164 -13.45 12.34 6.22
N PHE A 165 -12.94 12.49 7.44
CA PHE A 165 -13.78 12.81 8.60
C PHE A 165 -13.67 14.26 9.05
N GLY A 166 -12.70 14.99 8.51
CA GLY A 166 -12.46 16.38 8.91
C GLY A 166 -11.92 16.52 10.33
N LYS A 167 -11.26 15.47 10.82
CA LYS A 167 -10.64 15.49 12.15
C LYS A 167 -9.47 14.50 12.22
N ARG A 168 -8.70 14.59 13.29
CA ARG A 168 -7.69 13.58 13.60
C ARG A 168 -8.03 12.95 14.94
N PHE A 169 -7.49 11.77 15.20
CA PHE A 169 -7.65 11.11 16.50
C PHE A 169 -6.37 11.26 17.31
N HIS A 170 -6.51 11.29 18.63
CA HIS A 170 -5.36 11.38 19.53
C HIS A 170 -4.67 10.04 19.65
N TYR A 171 -3.35 10.06 19.80
CA TYR A 171 -2.57 8.84 19.96
C TYR A 171 -2.99 8.01 21.18
N GLN A 172 -3.59 8.65 22.19
CA GLN A 172 -4.01 7.97 23.44
C GLN A 172 -5.41 7.38 23.37
N ASP A 173 -6.12 7.66 22.30
CA ASP A 173 -7.49 7.21 22.12
C ASP A 173 -7.51 5.68 21.90
N GLN A 174 -7.91 4.96 22.95
CA GLN A 174 -7.96 3.49 22.89
C GLN A 174 -8.89 2.94 21.79
N GLU A 175 -9.93 3.69 21.45
CA GLU A 175 -10.85 3.26 20.40
C GLU A 175 -10.26 3.41 18.99
N PHE A 176 -9.45 4.45 18.81
CA PHE A 176 -8.63 4.67 17.60
C PHE A 176 -7.63 3.53 17.51
N LEU A 177 -6.89 3.28 18.59
CA LEU A 177 -5.92 2.19 18.61
C LEU A 177 -6.54 0.82 18.34
N LYS A 178 -7.72 0.57 18.87
CA LYS A 178 -8.46 -0.66 18.58
C LYS A 178 -8.70 -0.83 17.06
N MET A 179 -9.12 0.25 16.40
CA MET A 179 -9.29 0.21 14.94
C MET A 179 -7.96 -0.04 14.19
N LEU A 180 -6.90 0.63 14.64
CA LEU A 180 -5.57 0.44 14.05
C LEU A 180 -5.09 -0.99 14.22
N ASN A 181 -5.34 -1.57 15.39
CA ASN A 181 -5.03 -2.96 15.63
C ASN A 181 -5.75 -3.88 14.63
N LEU A 182 -7.02 -3.57 14.36
CA LEU A 182 -7.79 -4.34 13.40
C LEU A 182 -7.18 -4.28 11.98
N PHE A 183 -6.76 -3.10 11.54
CA PHE A 183 -6.06 -2.95 10.25
C PHE A 183 -4.77 -3.78 10.22
N TYR A 184 -3.98 -3.66 11.28
CA TYR A 184 -2.70 -4.36 11.37
C TYR A 184 -2.89 -5.88 11.31
N GLN A 185 -3.78 -6.41 12.14
CA GLN A 185 -4.08 -7.85 12.16
C GLN A 185 -4.63 -8.33 10.82
N THR A 186 -5.54 -7.58 10.23
CA THR A 186 -6.16 -7.96 8.96
C THR A 186 -5.13 -8.10 7.81
N PHE A 187 -4.26 -7.09 7.68
CA PHE A 187 -3.20 -7.09 6.65
C PHE A 187 -2.29 -8.31 6.85
N SER A 188 -1.99 -8.64 8.10
CA SER A 188 -1.17 -9.82 8.41
C SER A 188 -1.86 -11.14 8.05
N LEU A 189 -3.13 -11.28 8.44
CA LEU A 189 -3.94 -12.45 8.11
C LEU A 189 -4.08 -12.69 6.61
N ILE A 190 -4.35 -11.61 5.87
CA ILE A 190 -4.47 -11.66 4.41
C ILE A 190 -3.17 -12.16 3.77
N SER A 191 -2.05 -11.72 4.34
CA SER A 191 -0.72 -12.02 3.81
C SER A 191 -0.14 -13.36 4.28
N SER A 192 -0.83 -13.99 5.25
CA SER A 192 -0.37 -15.25 5.86
C SER A 192 -0.40 -16.41 4.86
N VAL A 193 0.23 -17.51 5.27
CA VAL A 193 0.24 -18.74 4.47
C VAL A 193 -1.18 -19.24 4.21
N PHE A 194 -2.04 -19.17 5.23
CA PHE A 194 -3.46 -19.49 5.04
C PHE A 194 -4.11 -18.60 3.99
N GLY A 195 -3.84 -17.30 4.08
CA GLY A 195 -4.40 -16.33 3.14
C GLY A 195 -4.02 -16.65 1.72
N GLN A 196 -2.79 -17.13 1.54
CA GLN A 196 -2.31 -17.51 0.22
C GLN A 196 -2.96 -18.80 -0.27
N LEU A 197 -3.10 -19.78 0.62
CA LEU A 197 -3.83 -21.02 0.31
C LEU A 197 -5.29 -20.75 -0.08
N PHE A 198 -5.91 -19.80 0.62
CA PHE A 198 -7.29 -19.39 0.36
C PHE A 198 -7.45 -18.85 -1.04
N GLU A 199 -6.41 -18.18 -1.53
CA GLU A 199 -6.38 -17.70 -2.91
C GLU A 199 -6.59 -18.85 -3.89
N LEU A 200 -6.03 -20.02 -3.56
CA LEU A 200 -6.18 -21.21 -4.39
C LEU A 200 -7.51 -21.93 -4.14
N PHE A 201 -7.87 -22.11 -2.88
CA PHE A 201 -8.97 -23.02 -2.51
C PHE A 201 -10.10 -22.40 -1.68
N SER A 202 -10.40 -21.12 -1.95
CA SER A 202 -11.49 -20.43 -1.24
C SER A 202 -12.83 -21.16 -1.40
N GLY A 203 -13.09 -21.66 -2.61
CA GLY A 203 -14.31 -22.43 -2.90
C GLY A 203 -14.57 -23.56 -1.91
N PHE A 204 -13.49 -24.20 -1.46
CA PHE A 204 -13.55 -25.30 -0.49
C PHE A 204 -13.38 -24.80 0.94
N LEU A 205 -12.34 -24.01 1.18
CA LEU A 205 -12.00 -23.55 2.53
C LEU A 205 -13.03 -22.62 3.17
N LYS A 206 -13.87 -21.98 2.34
CA LYS A 206 -14.92 -21.07 2.84
C LYS A 206 -15.97 -21.76 3.72
N HIS A 207 -16.01 -23.08 3.69
CA HIS A 207 -17.00 -23.86 4.46
C HIS A 207 -16.51 -24.19 5.87
N PHE A 208 -15.24 -23.92 6.13
CA PHE A 208 -14.60 -24.25 7.41
C PHE A 208 -14.25 -22.98 8.18
N PRO A 209 -14.06 -23.10 9.51
CA PRO A 209 -13.44 -22.03 10.30
C PRO A 209 -12.07 -21.63 9.75
N GLY A 210 -11.65 -20.39 10.00
CA GLY A 210 -10.35 -19.91 9.53
C GLY A 210 -10.18 -18.40 9.47
N ALA A 211 -8.98 -17.97 9.11
CA ALA A 211 -8.59 -16.56 9.06
C ALA A 211 -9.50 -15.69 8.21
N HIS A 212 -10.08 -16.27 7.16
CA HIS A 212 -11.02 -15.53 6.31
C HIS A 212 -12.22 -14.99 7.11
N ARG A 213 -12.68 -15.77 8.09
CA ARG A 213 -13.80 -15.35 8.94
C ARG A 213 -13.40 -14.26 9.92
N GLN A 214 -12.17 -14.34 10.43
CA GLN A 214 -11.63 -13.30 11.30
C GLN A 214 -11.43 -11.98 10.52
N VAL A 215 -10.96 -12.09 9.27
CA VAL A 215 -10.82 -10.92 8.38
C VAL A 215 -12.17 -10.23 8.16
N TYR A 216 -13.20 -11.02 7.86
CA TYR A 216 -14.55 -10.49 7.64
C TYR A 216 -15.02 -9.74 8.89
N LYS A 217 -14.87 -10.38 10.04
CA LYS A 217 -15.27 -9.84 11.33
C LYS A 217 -14.55 -8.52 11.65
N ASN A 218 -13.23 -8.51 11.43
CA ASN A 218 -12.41 -7.32 11.65
C ASN A 218 -12.87 -6.15 10.79
N LEU A 219 -13.06 -6.41 9.49
CA LEU A 219 -13.49 -5.37 8.56
C LEU A 219 -14.88 -4.81 8.86
N GLN A 220 -15.80 -5.68 9.26
CA GLN A 220 -17.15 -5.23 9.61
C GLN A 220 -17.12 -4.34 10.85
N GLU A 221 -16.23 -4.65 11.80
CA GLU A 221 -16.06 -3.84 13.00
C GLU A 221 -15.59 -2.41 12.66
N ILE A 222 -14.60 -2.31 11.75
CA ILE A 222 -14.18 -0.98 11.26
C ILE A 222 -15.32 -0.29 10.51
N ASN A 223 -16.00 -1.06 9.66
CA ASN A 223 -17.11 -0.54 8.87
C ASN A 223 -18.26 0.02 9.73
N ALA A 224 -18.49 -0.61 10.88
CA ALA A 224 -19.49 -0.14 11.85
C ALA A 224 -19.27 1.31 12.26
N TYR A 225 -18.02 1.66 12.57
CA TYR A 225 -17.70 3.06 12.85
C TYR A 225 -18.01 3.98 11.66
N ILE A 226 -17.62 3.56 10.46
CA ILE A 226 -17.81 4.39 9.26
C ILE A 226 -19.29 4.68 9.02
N GLY A 227 -20.13 3.65 9.13
CA GLY A 227 -21.57 3.77 8.98
C GLY A 227 -22.17 4.78 9.96
N HIS A 228 -21.80 4.67 11.22
CA HIS A 228 -22.26 5.61 12.25
C HIS A 228 -21.80 7.04 11.97
N SER A 229 -20.54 7.18 11.56
CA SER A 229 -20.01 8.49 11.22
C SER A 229 -20.76 9.10 10.03
N VAL A 230 -21.10 8.29 9.05
CA VAL A 230 -21.91 8.74 7.93
C VAL A 230 -23.26 9.32 8.41
N GLU A 231 -23.90 8.65 9.36
CA GLU A 231 -25.19 9.11 9.88
C GLU A 231 -25.07 10.43 10.64
N LYS A 232 -24.00 10.56 11.44
CA LYS A 232 -23.70 11.81 12.14
C LYS A 232 -23.47 12.97 11.17
N HIS A 233 -22.75 12.69 10.07
CA HIS A 233 -22.50 13.67 9.03
C HIS A 233 -23.80 14.11 8.36
N ARG A 234 -24.67 13.13 8.08
CA ARG A 234 -25.94 13.38 7.41
C ARG A 234 -26.88 14.27 8.25
N GLU A 235 -26.79 14.13 9.57
CA GLU A 235 -27.62 14.88 10.51
C GLU A 235 -27.19 16.34 10.65
N THR A 236 -25.92 16.61 10.36
CA THR A 236 -25.36 17.94 10.56
C THR A 236 -24.89 18.57 9.24
N LEU A 237 -25.28 17.95 8.13
CA LEU A 237 -24.81 18.36 6.81
C LEU A 237 -25.33 19.73 6.39
N ASP A 238 -24.39 20.60 6.01
CA ASP A 238 -24.70 21.89 5.43
C ASP A 238 -24.34 21.86 3.95
N PRO A 239 -25.36 21.82 3.07
CA PRO A 239 -25.10 21.71 1.62
C PRO A 239 -24.30 22.87 1.04
N SER A 240 -24.36 24.03 1.70
CA SER A 240 -23.59 25.20 1.26
C SER A 240 -22.13 25.12 1.68
N ALA A 241 -21.84 24.32 2.72
CA ALA A 241 -20.48 24.19 3.24
C ALA A 241 -20.11 22.76 3.64
N PRO A 242 -19.77 21.90 2.65
CA PRO A 242 -19.26 20.56 2.93
C PRO A 242 -17.98 20.61 3.76
N ARG A 243 -17.88 19.78 4.79
CA ARG A 243 -16.74 19.80 5.71
C ARG A 243 -15.60 18.91 5.24
N ASP A 244 -15.95 17.85 4.52
CA ASP A 244 -15.00 16.78 4.22
C ASP A 244 -15.48 15.90 3.07
N LEU A 245 -14.77 14.80 2.86
CA LEU A 245 -15.06 13.90 1.75
C LEU A 245 -16.44 13.25 1.91
N ILE A 246 -16.80 12.90 3.14
CA ILE A 246 -18.10 12.30 3.42
C ILE A 246 -19.26 13.23 3.01
N ASP A 247 -19.19 14.49 3.46
CA ASP A 247 -20.19 15.51 3.08
C ASP A 247 -20.34 15.63 1.57
N THR A 248 -19.21 15.68 0.87
CA THR A 248 -19.18 15.83 -0.59
C THR A 248 -19.87 14.64 -1.26
N TYR A 249 -19.62 13.43 -0.76
CA TYR A 249 -20.31 12.23 -1.26
C TYR A 249 -21.82 12.31 -1.01
N LEU A 250 -22.21 12.67 0.22
CA LEU A 250 -23.64 12.78 0.55
C LEU A 250 -24.40 13.75 -0.35
N LEU A 251 -23.71 14.80 -0.78
CA LEU A 251 -24.28 15.77 -1.71
C LEU A 251 -24.50 15.18 -3.10
N HIS A 252 -23.55 14.37 -3.58
CA HIS A 252 -23.72 13.63 -4.82
C HIS A 252 -24.87 12.64 -4.70
N MET A 253 -24.95 11.98 -3.56
CA MET A 253 -26.01 11.02 -3.28
C MET A 253 -27.38 11.68 -3.44
N GLU A 254 -27.54 12.82 -2.77
CA GLU A 254 -28.77 13.61 -2.84
C GLU A 254 -29.10 14.02 -4.28
N LYS A 255 -28.11 14.49 -5.01
CA LYS A 255 -28.25 14.89 -6.40
C LYS A 255 -28.78 13.74 -7.29
N GLU A 256 -28.32 12.52 -7.02
CA GLU A 256 -28.64 11.40 -7.89
C GLU A 256 -29.73 10.47 -7.35
N LYS A 257 -30.40 10.90 -6.27
CA LYS A 257 -31.33 10.02 -5.56
C LYS A 257 -32.51 9.45 -6.39
N SER A 258 -32.90 10.15 -7.46
CA SER A 258 -33.98 9.68 -8.32
C SER A 258 -33.55 8.54 -9.25
N ASN A 259 -32.25 8.25 -9.25
CA ASN A 259 -31.70 7.17 -10.02
C ASN A 259 -31.43 5.97 -9.11
N ALA A 260 -32.24 4.93 -9.24
CA ALA A 260 -32.10 3.70 -8.44
C ALA A 260 -30.75 3.02 -8.64
N HIS A 261 -30.15 3.24 -9.81
CA HIS A 261 -28.85 2.69 -10.17
C HIS A 261 -27.66 3.63 -9.91
N SER A 262 -27.88 4.72 -9.19
CA SER A 262 -26.78 5.62 -8.82
C SER A 262 -25.65 4.84 -8.14
N GLU A 263 -24.41 5.15 -8.54
CA GLU A 263 -23.23 4.55 -7.90
C GLU A 263 -22.97 5.17 -6.53
N PHE A 264 -23.58 6.32 -6.28
CA PHE A 264 -23.44 7.01 -5.00
C PHE A 264 -24.37 6.42 -3.93
N SER A 265 -24.15 5.14 -3.66
CA SER A 265 -24.95 4.39 -2.72
C SER A 265 -24.27 4.36 -1.36
N HIS A 266 -25.02 3.94 -0.34
CA HIS A 266 -24.48 3.78 1.00
C HIS A 266 -23.42 2.68 1.09
N GLN A 267 -23.59 1.59 0.33
CA GLN A 267 -22.59 0.53 0.33
C GLN A 267 -21.27 1.00 -0.29
N ASN A 268 -21.34 1.72 -1.40
CA ASN A 268 -20.14 2.36 -1.97
C ASN A 268 -19.53 3.39 -1.03
N LEU A 269 -20.37 4.10 -0.27
CA LEU A 269 -19.84 5.13 0.65
C LEU A 269 -19.04 4.50 1.78
N ASN A 270 -19.66 3.54 2.47
CA ASN A 270 -18.99 2.80 3.54
C ASN A 270 -17.72 2.09 3.07
N LEU A 271 -17.83 1.37 1.96
CA LEU A 271 -16.72 0.52 1.50
C LEU A 271 -15.64 1.27 0.74
N ASN A 272 -16.00 2.36 0.05
CA ASN A 272 -14.99 3.24 -0.53
C ASN A 272 -14.17 3.90 0.58
N THR A 273 -14.87 4.40 1.59
CA THR A 273 -14.24 5.03 2.75
C THR A 273 -13.32 4.04 3.45
N LEU A 274 -13.80 2.83 3.71
CA LEU A 274 -12.99 1.80 4.34
C LEU A 274 -11.77 1.48 3.47
N SER A 275 -11.98 1.38 2.16
CA SER A 275 -10.92 1.14 1.20
C SER A 275 -9.81 2.21 1.31
N LEU A 276 -10.21 3.48 1.34
CA LEU A 276 -9.25 4.58 1.42
C LEU A 276 -8.45 4.54 2.72
N PHE A 277 -9.13 4.23 3.82
CA PHE A 277 -8.47 4.12 5.12
C PHE A 277 -7.51 2.96 5.20
N PHE A 278 -7.94 1.80 4.72
CA PHE A 278 -7.13 0.59 4.71
C PHE A 278 -5.85 0.84 3.93
N ALA A 279 -6.00 1.16 2.64
CA ALA A 279 -4.87 1.48 1.79
C ALA A 279 -4.05 2.65 2.33
N GLY A 280 -4.70 3.73 2.73
CA GLY A 280 -4.00 4.91 3.24
C GLY A 280 -3.17 4.69 4.50
N THR A 281 -3.60 3.76 5.34
CA THR A 281 -2.96 3.48 6.61
C THR A 281 -1.88 2.40 6.48
N GLU A 282 -2.26 1.23 6.00
CA GLU A 282 -1.43 0.05 6.10
C GLU A 282 -0.22 0.05 5.17
N THR A 283 -0.33 0.74 4.05
CA THR A 283 0.74 0.80 3.07
C THR A 283 1.92 1.63 3.61
N THR A 284 1.65 2.91 3.84
CA THR A 284 2.66 3.86 4.31
C THR A 284 3.24 3.48 5.65
N SER A 285 2.40 3.02 6.59
CA SER A 285 2.91 2.64 7.90
C SER A 285 3.84 1.43 7.85
N THR A 286 3.53 0.45 6.99
CA THR A 286 4.36 -0.73 6.82
C THR A 286 5.73 -0.32 6.23
N THR A 287 5.71 0.56 5.24
CA THR A 287 6.92 1.11 4.64
C THR A 287 7.78 1.83 5.70
N LEU A 288 7.13 2.65 6.53
CA LEU A 288 7.82 3.29 7.65
C LEU A 288 8.41 2.29 8.63
N ARG A 289 7.64 1.24 8.96
CA ARG A 289 8.14 0.17 9.83
C ARG A 289 9.43 -0.45 9.27
N TYR A 290 9.41 -0.80 7.98
CA TYR A 290 10.61 -1.35 7.34
C TYR A 290 11.74 -0.33 7.30
N GLY A 291 11.39 0.91 6.97
CA GLY A 291 12.35 2.00 6.88
C GLY A 291 13.19 2.17 8.13
N PHE A 292 12.52 2.18 9.29
CA PHE A 292 13.24 2.34 10.55
C PHE A 292 14.01 1.10 11.03
N LEU A 293 13.51 -0.09 10.69
CA LEU A 293 14.31 -1.32 10.89
C LEU A 293 15.60 -1.23 10.07
N LEU A 294 15.48 -0.77 8.83
CA LEU A 294 16.63 -0.62 7.94
C LEU A 294 17.64 0.41 8.49
N MET A 295 17.14 1.47 9.10
CA MET A 295 18.00 2.47 9.75
C MET A 295 18.74 1.92 10.97
N LEU A 296 18.09 1.02 11.71
CA LEU A 296 18.76 0.29 12.80
C LEU A 296 19.86 -0.66 12.29
N LYS A 297 19.59 -1.35 11.20
CA LYS A 297 20.60 -2.25 10.61
C LYS A 297 21.72 -1.49 9.92
N TYR A 298 21.41 -0.33 9.34
CA TYR A 298 22.39 0.45 8.60
C TYR A 298 22.54 1.87 9.16
N PRO A 299 23.07 1.99 10.40
CA PRO A 299 23.16 3.29 11.06
C PRO A 299 23.98 4.35 10.30
N HIS A 300 24.92 3.93 9.45
CA HIS A 300 25.69 4.89 8.66
C HIS A 300 24.82 5.59 7.61
N VAL A 301 23.81 4.89 7.12
CA VAL A 301 22.86 5.49 6.18
C VAL A 301 22.06 6.58 6.93
N ALA A 302 21.56 6.24 8.12
CA ALA A 302 20.80 7.16 8.96
C ALA A 302 21.62 8.40 9.35
N GLU A 303 22.90 8.18 9.65
CA GLU A 303 23.83 9.25 9.99
C GLU A 303 24.04 10.20 8.81
N ARG A 304 24.19 9.63 7.62
CA ARG A 304 24.35 10.44 6.41
C ARG A 304 23.06 11.21 6.07
N VAL A 305 21.90 10.59 6.27
CA VAL A 305 20.63 11.31 6.09
C VAL A 305 20.58 12.50 7.06
N TYR A 306 20.94 12.27 8.31
CA TYR A 306 20.91 13.35 9.30
C TYR A 306 21.85 14.52 8.93
N ARG A 307 23.03 14.21 8.41
CA ARG A 307 23.95 15.27 7.94
C ARG A 307 23.35 16.10 6.84
N GLU A 308 22.63 15.44 5.92
CA GLU A 308 21.94 16.15 4.86
C GLU A 308 20.82 17.04 5.41
N ILE A 309 20.04 16.52 6.35
CA ILE A 309 19.02 17.32 7.05
C ILE A 309 19.66 18.56 7.72
N GLU A 310 20.75 18.34 8.46
CA GLU A 310 21.47 19.46 9.11
C GLU A 310 21.85 20.53 8.08
N GLN A 311 22.46 20.09 6.98
CA GLN A 311 23.00 21.01 5.97
C GLN A 311 21.93 21.70 5.13
N VAL A 312 20.81 21.02 4.86
CA VAL A 312 19.77 21.61 4.04
C VAL A 312 18.67 22.32 4.87
N ILE A 313 18.22 21.67 5.93
CA ILE A 313 17.08 22.17 6.69
C ILE A 313 17.52 22.84 7.99
N GLY A 314 18.47 22.21 8.67
CA GLY A 314 18.90 22.66 9.99
C GLY A 314 18.18 21.88 11.09
N PRO A 315 18.45 22.23 12.35
CA PRO A 315 17.89 21.46 13.47
C PRO A 315 16.44 21.80 13.87
N HIS A 316 15.95 22.98 13.48
CA HIS A 316 14.70 23.52 14.01
C HIS A 316 13.57 23.69 13.00
N ARG A 317 13.86 24.27 11.83
CA ARG A 317 12.81 24.52 10.84
C ARG A 317 12.16 23.21 10.39
N PRO A 318 10.81 23.13 10.44
CA PRO A 318 10.14 21.92 10.00
C PRO A 318 10.41 21.59 8.53
N PRO A 319 10.75 20.33 8.22
CA PRO A 319 10.93 19.96 6.82
C PRO A 319 9.68 20.27 6.00
N GLU A 320 9.89 20.56 4.72
CA GLU A 320 8.80 20.89 3.80
C GLU A 320 9.07 20.22 2.45
N LEU A 321 8.04 20.05 1.62
CA LEU A 321 8.21 19.32 0.34
C LEU A 321 9.23 19.97 -0.60
N HIS A 322 9.34 21.29 -0.52
CA HIS A 322 10.31 22.05 -1.31
C HIS A 322 11.77 21.66 -1.00
N ASP A 323 12.00 21.11 0.19
CA ASP A 323 13.34 20.60 0.54
C ASP A 323 13.81 19.39 -0.28
N ARG A 324 12.87 18.65 -0.85
CA ARG A 324 13.19 17.39 -1.55
C ARG A 324 14.26 17.52 -2.64
N ALA A 325 14.12 18.52 -3.51
CA ALA A 325 15.06 18.72 -4.62
C ALA A 325 16.50 18.90 -4.15
N LYS A 326 16.68 19.49 -2.96
CA LYS A 326 18.02 19.72 -2.41
C LYS A 326 18.50 18.58 -1.53
N MET A 327 17.72 17.50 -1.45
CA MET A 327 18.08 16.37 -0.59
C MET A 327 18.10 15.04 -1.36
N PRO A 328 18.99 14.95 -2.38
CA PRO A 328 19.10 13.75 -3.20
C PRO A 328 19.38 12.48 -2.40
N TYR A 329 20.19 12.58 -1.34
CA TYR A 329 20.55 11.40 -0.57
C TYR A 329 19.35 10.87 0.21
N THR A 330 18.64 11.76 0.87
CA THR A 330 17.44 11.38 1.62
C THR A 330 16.37 10.78 0.68
N GLU A 331 16.17 11.40 -0.49
CA GLU A 331 15.23 10.86 -1.48
C GLU A 331 15.63 9.47 -1.97
N ALA A 332 16.93 9.28 -2.23
CA ALA A 332 17.46 7.96 -2.63
C ALA A 332 17.21 6.91 -1.58
N VAL A 333 17.40 7.28 -0.31
CA VAL A 333 17.17 6.39 0.82
C VAL A 333 15.69 5.95 0.89
N ILE A 334 14.78 6.89 0.67
CA ILE A 334 13.36 6.58 0.69
C ILE A 334 12.94 5.72 -0.51
N TYR A 335 13.45 6.05 -1.70
CA TYR A 335 13.26 5.20 -2.86
C TYR A 335 13.74 3.78 -2.55
N GLU A 336 14.92 3.66 -1.98
CA GLU A 336 15.49 2.34 -1.66
C GLU A 336 14.70 1.62 -0.56
N ILE A 337 14.20 2.36 0.43
CA ILE A 337 13.30 1.74 1.41
C ILE A 337 12.09 1.11 0.70
N GLN A 338 11.47 1.87 -0.20
CA GLN A 338 10.31 1.40 -0.97
C GLN A 338 10.65 0.22 -1.90
N ARG A 339 11.79 0.32 -2.58
CA ARG A 339 12.24 -0.75 -3.46
C ARG A 339 12.51 -2.04 -2.69
N PHE A 340 13.28 -1.92 -1.60
CA PHE A 340 13.64 -3.06 -0.76
C PHE A 340 12.44 -3.66 -0.02
N SER A 341 11.54 -2.81 0.49
CA SER A 341 10.42 -3.31 1.28
C SER A 341 9.32 -3.93 0.44
N ASP A 342 9.24 -3.57 -0.86
CA ASP A 342 8.48 -4.33 -1.84
C ASP A 342 7.11 -4.67 -1.26
N LEU A 343 6.37 -3.62 -0.90
CA LEU A 343 5.12 -3.73 -0.11
C LEU A 343 4.08 -4.72 -0.64
N LEU A 344 3.76 -4.61 -1.92
CA LEU A 344 2.85 -5.51 -2.60
C LEU A 344 3.62 -6.22 -3.70
N PRO A 345 4.29 -7.33 -3.37
CA PRO A 345 5.20 -7.97 -4.33
C PRO A 345 4.51 -8.39 -5.64
N MET A 346 3.23 -8.73 -5.57
CA MET A 346 2.47 -9.18 -6.74
C MET A 346 1.40 -8.15 -7.10
N GLY A 347 1.57 -6.93 -6.61
CA GLY A 347 0.62 -5.84 -6.80
C GLY A 347 -0.78 -6.18 -6.29
N VAL A 348 -1.79 -5.69 -6.98
CA VAL A 348 -3.17 -6.05 -6.69
C VAL A 348 -3.68 -6.70 -7.98
N PRO A 349 -4.39 -7.85 -7.88
CA PRO A 349 -4.79 -8.59 -9.09
C PRO A 349 -5.56 -7.75 -10.11
N HIS A 350 -5.22 -7.94 -11.37
CA HIS A 350 -5.98 -7.34 -12.46
C HIS A 350 -6.82 -8.43 -13.15
N ILE A 351 -7.65 -8.02 -14.09
CA ILE A 351 -8.39 -8.95 -14.94
C ILE A 351 -8.44 -8.35 -16.35
N VAL A 352 -8.36 -9.18 -17.38
CA VAL A 352 -8.45 -8.65 -18.74
C VAL A 352 -9.94 -8.45 -19.09
N THR A 353 -10.26 -7.26 -19.60
CA THR A 353 -11.65 -6.85 -19.82
C THR A 353 -12.18 -7.23 -21.22
N GLN A 354 -11.24 -7.58 -22.12
CA GLN A 354 -11.59 -8.01 -23.47
C GLN A 354 -10.54 -8.96 -24.01
N HIS A 355 -10.93 -9.80 -24.90
CA HIS A 355 -10.07 -10.71 -25.63
C HIS A 355 -8.82 -9.95 -26.06
N THR A 356 -7.68 -10.45 -25.76
CA THR A 356 -6.45 -9.70 -26.05
C THR A 356 -5.27 -10.53 -26.55
N SER A 357 -4.44 -9.91 -27.37
CA SER A 357 -3.18 -10.51 -27.81
C SER A 357 -2.05 -9.92 -26.99
N PHE A 358 -1.22 -10.79 -26.44
CA PHE A 358 -0.05 -10.35 -25.71
C PHE A 358 1.14 -11.22 -26.05
N ARG A 359 2.13 -10.61 -26.70
CA ARG A 359 3.37 -11.27 -27.09
C ARG A 359 3.16 -12.62 -27.78
N GLY A 360 2.17 -12.68 -28.66
CA GLY A 360 1.88 -13.90 -29.41
C GLY A 360 0.89 -14.83 -28.74
N TYR A 361 0.51 -14.51 -27.50
CA TYR A 361 -0.47 -15.31 -26.78
C TYR A 361 -1.85 -14.67 -26.85
N ILE A 362 -2.87 -15.50 -26.65
CA ILE A 362 -4.23 -15.03 -26.60
C ILE A 362 -4.74 -15.14 -25.17
N ILE A 363 -5.13 -14.00 -24.61
CA ILE A 363 -5.65 -13.97 -23.26
C ILE A 363 -7.14 -13.64 -23.34
N PRO A 364 -8.00 -14.62 -23.01
CA PRO A 364 -9.45 -14.44 -23.12
C PRO A 364 -9.94 -13.42 -22.10
N LYS A 365 -11.00 -12.72 -22.46
CA LYS A 365 -11.75 -11.87 -21.52
C LYS A 365 -11.96 -12.61 -20.20
N ASP A 366 -11.81 -11.88 -19.09
CA ASP A 366 -12.11 -12.44 -17.76
C ASP A 366 -11.01 -13.35 -17.19
N THR A 367 -9.80 -13.16 -17.69
CA THR A 367 -8.64 -13.93 -17.23
C THR A 367 -7.81 -13.09 -16.29
N GLU A 368 -7.67 -13.57 -15.05
CA GLU A 368 -6.96 -12.81 -14.02
C GLU A 368 -5.47 -12.71 -14.35
N VAL A 369 -4.90 -11.55 -14.01
CA VAL A 369 -3.50 -11.26 -14.29
C VAL A 369 -2.84 -10.68 -13.03
N PHE A 370 -1.68 -11.24 -12.64
CA PHE A 370 -0.86 -10.65 -11.60
C PHE A 370 0.34 -9.96 -12.25
N LEU A 371 0.52 -8.67 -11.97
CA LEU A 371 1.74 -7.96 -12.34
C LEU A 371 2.69 -8.12 -11.18
N ILE A 372 3.79 -8.85 -11.39
CA ILE A 372 4.72 -9.14 -10.31
C ILE A 372 5.67 -7.96 -10.13
N LEU A 373 5.18 -6.93 -9.43
CA LEU A 373 5.94 -5.70 -9.21
C LEU A 373 7.33 -5.96 -8.64
N SER A 374 7.42 -6.96 -7.76
CA SER A 374 8.69 -7.35 -7.14
C SER A 374 9.82 -7.62 -8.16
N THR A 375 9.46 -8.18 -9.31
CA THR A 375 10.46 -8.52 -10.34
C THR A 375 11.03 -7.28 -11.02
N ALA A 376 10.26 -6.19 -11.04
CA ALA A 376 10.77 -4.93 -11.54
C ALA A 376 11.65 -4.27 -10.48
N LEU A 377 11.18 -4.28 -9.23
CA LEU A 377 11.93 -3.69 -8.12
C LEU A 377 13.24 -4.42 -7.81
N HIS A 378 13.35 -5.69 -8.23
CA HIS A 378 14.58 -6.45 -8.02
C HIS A 378 15.32 -6.80 -9.31
N ASP A 379 15.03 -6.05 -10.39
CA ASP A 379 15.69 -6.25 -11.68
C ASP A 379 17.19 -5.93 -11.57
N PRO A 380 18.05 -6.93 -11.78
CA PRO A 380 19.50 -6.70 -11.64
C PRO A 380 20.13 -5.83 -12.74
N HIS A 381 19.40 -5.58 -13.83
CA HIS A 381 19.85 -4.65 -14.87
C HIS A 381 19.70 -3.19 -14.44
N TYR A 382 18.73 -2.93 -13.58
CA TYR A 382 18.51 -1.59 -13.08
C TYR A 382 19.14 -1.38 -11.70
N PHE A 383 19.19 -2.45 -10.91
CA PHE A 383 19.71 -2.38 -9.54
C PHE A 383 20.73 -3.47 -9.28
N GLU A 384 22.01 -3.11 -9.37
CA GLU A 384 23.11 -4.07 -9.12
C GLU A 384 22.97 -4.61 -7.69
N LYS A 385 23.07 -5.94 -7.56
CA LYS A 385 22.88 -6.63 -6.29
C LYS A 385 21.54 -6.23 -5.63
N PRO A 386 20.41 -6.55 -6.29
CA PRO A 386 19.09 -6.03 -5.90
C PRO A 386 18.56 -6.57 -4.58
N ASP A 387 19.16 -7.65 -4.07
CA ASP A 387 18.73 -8.23 -2.80
C ASP A 387 19.25 -7.47 -1.59
N ALA A 388 20.23 -6.58 -1.79
CA ALA A 388 20.82 -5.83 -0.70
C ALA A 388 20.21 -4.43 -0.59
N PHE A 389 20.09 -3.92 0.63
CA PHE A 389 19.69 -2.53 0.85
C PHE A 389 20.87 -1.59 0.55
N ASN A 390 20.68 -0.72 -0.42
CA ASN A 390 21.73 0.20 -0.84
C ASN A 390 21.16 1.46 -1.50
N PRO A 391 21.18 2.60 -0.79
CA PRO A 391 20.71 3.86 -1.38
C PRO A 391 21.39 4.27 -2.69
N ASP A 392 22.63 3.82 -2.91
CA ASP A 392 23.34 4.09 -4.18
C ASP A 392 22.59 3.55 -5.40
N HIS A 393 21.65 2.62 -5.18
CA HIS A 393 20.73 2.17 -6.25
C HIS A 393 19.98 3.34 -6.90
N PHE A 394 19.87 4.45 -6.19
CA PHE A 394 19.14 5.62 -6.70
C PHE A 394 19.99 6.89 -6.80
N LEU A 395 21.31 6.70 -6.90
CA LEU A 395 22.24 7.81 -7.05
C LEU A 395 23.17 7.59 -8.25
N ASP A 396 23.49 8.66 -8.97
CA ASP A 396 24.49 8.59 -10.04
C ASP A 396 25.89 8.80 -9.45
N ALA A 397 26.90 8.88 -10.32
CA ALA A 397 28.29 9.01 -9.89
C ALA A 397 28.52 10.28 -9.08
N ASN A 398 27.79 11.34 -9.41
CA ASN A 398 27.95 12.62 -8.73
C ASN A 398 27.12 12.76 -7.46
N GLY A 399 26.44 11.68 -7.05
CA GLY A 399 25.57 11.71 -5.87
C GLY A 399 24.25 12.47 -6.10
N ALA A 400 23.90 12.65 -7.37
CA ALA A 400 22.62 13.23 -7.74
C ALA A 400 21.57 12.11 -7.83
N LEU A 401 20.32 12.45 -7.63
CA LEU A 401 19.22 11.47 -7.64
C LEU A 401 19.09 10.81 -9.01
N LYS A 402 19.07 9.49 -9.03
CA LYS A 402 18.90 8.76 -10.27
C LYS A 402 17.60 7.97 -10.24
N LYS A 403 16.56 8.57 -10.83
CA LYS A 403 15.26 7.93 -10.99
C LYS A 403 15.34 6.90 -12.10
N THR A 404 14.51 5.85 -11.99
CA THR A 404 14.51 4.79 -12.99
C THR A 404 13.09 4.29 -13.26
N GLU A 405 12.85 3.87 -14.51
CA GLU A 405 11.57 3.31 -14.92
C GLU A 405 11.24 1.95 -14.27
N ALA A 406 12.24 1.29 -13.68
CA ALA A 406 12.00 0.03 -12.96
C ALA A 406 11.34 0.26 -11.61
N PHE A 407 11.38 1.50 -11.12
CA PHE A 407 10.80 1.83 -9.82
C PHE A 407 9.29 1.99 -9.95
N ILE A 408 8.56 0.89 -9.79
CA ILE A 408 7.10 0.91 -9.95
C ILE A 408 6.32 0.29 -8.76
N PRO A 409 6.64 0.72 -7.52
CA PRO A 409 5.99 0.12 -6.35
C PRO A 409 4.52 0.55 -6.21
N PHE A 410 4.11 1.59 -6.95
CA PHE A 410 2.71 2.03 -7.02
C PHE A 410 1.99 1.48 -8.24
N SER A 411 2.68 0.61 -9.00
CA SER A 411 2.16 0.06 -10.26
C SER A 411 2.11 1.14 -11.36
N LEU A 412 1.32 0.90 -12.40
CA LEU A 412 1.24 1.77 -13.57
C LEU A 412 -0.17 1.77 -14.17
N GLY A 413 -0.43 2.72 -15.06
CA GLY A 413 -1.64 2.72 -15.90
C GLY A 413 -2.88 3.23 -15.20
N LYS A 414 -4.06 2.76 -15.64
CA LYS A 414 -5.34 3.31 -15.15
C LYS A 414 -5.60 3.09 -13.66
N ARG A 415 -5.08 1.99 -13.13
CA ARG A 415 -5.30 1.60 -11.74
C ARG A 415 -4.18 2.01 -10.83
N ILE A 416 -3.22 2.79 -11.36
CA ILE A 416 -2.05 3.24 -10.58
C ILE A 416 -2.54 3.79 -9.23
N CYS A 417 -1.76 3.55 -8.18
CA CYS A 417 -2.11 4.00 -6.84
C CYS A 417 -2.61 5.43 -6.89
N LEU A 418 -3.85 5.66 -6.46
CA LEU A 418 -4.36 7.04 -6.46
C LEU A 418 -3.79 7.86 -5.31
N GLY A 419 -3.19 7.19 -4.33
CA GLY A 419 -2.57 7.85 -3.20
C GLY A 419 -1.07 8.09 -3.34
N GLU A 420 -0.53 7.91 -4.54
CA GLU A 420 0.94 8.01 -4.73
C GLU A 420 1.53 9.32 -4.21
N GLY A 421 0.96 10.45 -4.62
CA GLY A 421 1.44 11.76 -4.17
C GLY A 421 1.39 11.93 -2.66
N ILE A 422 0.26 11.51 -2.07
CA ILE A 422 0.10 11.56 -0.62
C ILE A 422 1.15 10.70 0.07
N ALA A 423 1.36 9.48 -0.43
CA ALA A 423 2.29 8.54 0.18
C ALA A 423 3.73 9.07 0.15
N ARG A 424 4.16 9.58 -1.00
CA ARG A 424 5.52 10.12 -1.14
C ARG A 424 5.75 11.33 -0.22
N ALA A 425 4.73 12.19 -0.11
CA ALA A 425 4.78 13.33 0.81
C ALA A 425 4.89 12.88 2.26
N GLU A 426 4.09 11.86 2.62
CA GLU A 426 4.13 11.30 3.96
C GLU A 426 5.49 10.70 4.27
N LEU A 427 6.00 9.90 3.34
CA LEU A 427 7.29 9.23 3.54
C LEU A 427 8.40 10.27 3.77
N PHE A 428 8.48 11.26 2.90
CA PHE A 428 9.54 12.26 3.00
C PHE A 428 9.39 13.09 4.28
N LEU A 429 8.20 13.63 4.52
CA LEU A 429 8.00 14.51 5.68
C LEU A 429 8.12 13.80 7.02
N PHE A 430 7.52 12.63 7.14
CA PHE A 430 7.62 11.89 8.39
C PHE A 430 9.05 11.40 8.62
N PHE A 431 9.67 10.84 7.58
CA PHE A 431 11.05 10.32 7.71
C PHE A 431 12.01 11.44 8.13
N THR A 432 11.96 12.56 7.43
CA THR A 432 12.89 13.67 7.69
C THR A 432 12.62 14.34 9.03
N THR A 433 11.34 14.52 9.37
CA THR A 433 10.99 15.22 10.62
C THR A 433 11.40 14.39 11.84
N ILE A 434 11.23 13.07 11.77
CA ILE A 434 11.71 12.18 12.84
C ILE A 434 13.23 12.25 12.98
N LEU A 435 13.95 12.05 11.88
CA LEU A 435 15.42 12.03 11.92
C LEU A 435 16.05 13.37 12.29
N GLN A 436 15.42 14.46 11.89
CA GLN A 436 15.82 15.81 12.34
C GLN A 436 15.86 15.88 13.87
N ASN A 437 14.90 15.25 14.52
CA ASN A 437 14.71 15.40 15.96
C ASN A 437 15.22 14.28 16.84
N PHE A 438 15.46 13.10 16.26
CA PHE A 438 15.83 11.91 17.01
C PHE A 438 16.84 11.06 16.26
N SER A 439 17.72 10.43 17.02
CA SER A 439 18.52 9.33 16.51
C SER A 439 17.86 8.05 17.03
N MET A 440 18.25 6.91 16.50
CA MET A 440 17.62 5.63 16.85
C MET A 440 18.58 4.66 17.51
N ALA A 441 18.05 3.83 18.41
CA ALA A 441 18.80 2.77 19.06
C ALA A 441 17.88 1.58 19.34
N SER A 442 18.48 0.42 19.56
CA SER A 442 17.74 -0.76 20.01
C SER A 442 18.71 -1.73 20.65
N PRO A 443 18.20 -2.75 21.38
CA PRO A 443 19.10 -3.72 22.02
C PRO A 443 19.78 -4.69 21.06
N VAL A 444 19.38 -4.70 19.80
CA VAL A 444 19.94 -5.63 18.81
C VAL A 444 21.03 -4.96 17.98
N ALA A 445 22.23 -5.54 17.97
CA ALA A 445 23.34 -5.01 17.18
C ALA A 445 23.01 -5.04 15.68
N PRO A 446 23.45 -4.02 14.93
CA PRO A 446 23.15 -3.95 13.49
C PRO A 446 23.37 -5.27 12.76
N GLU A 447 24.49 -5.94 13.03
CA GLU A 447 24.84 -7.20 12.36
C GLU A 447 23.84 -8.31 12.66
N ASP A 448 23.19 -8.24 13.82
CA ASP A 448 22.26 -9.26 14.27
C ASP A 448 20.81 -9.04 13.81
N ILE A 449 20.54 -7.86 13.26
CA ILE A 449 19.18 -7.53 12.81
C ILE A 449 18.77 -8.36 11.61
N ASP A 450 17.63 -9.04 11.75
CA ASP A 450 17.08 -9.89 10.71
C ASP A 450 15.96 -9.14 9.98
N LEU A 451 16.13 -8.97 8.67
CA LEU A 451 15.15 -8.28 7.84
C LEU A 451 14.10 -9.21 7.22
N THR A 452 14.17 -10.51 7.54
CA THR A 452 13.23 -11.49 7.01
C THR A 452 11.79 -11.11 7.36
N PRO A 453 10.92 -10.98 6.34
CA PRO A 453 9.54 -10.58 6.62
C PRO A 453 8.81 -11.57 7.53
N GLN A 454 7.97 -11.06 8.42
CA GLN A 454 7.10 -11.91 9.26
C GLN A 454 6.02 -12.62 8.40
N GLU A 455 5.52 -11.91 7.40
CA GLU A 455 4.57 -12.47 6.43
C GLU A 455 5.01 -12.02 5.05
N CYS A 456 4.81 -12.87 4.06
CA CYS A 456 5.04 -12.48 2.68
C CYS A 456 4.02 -13.11 1.75
N GLY A 457 2.97 -12.36 1.47
CA GLY A 457 1.90 -12.77 0.57
C GLY A 457 1.51 -11.55 -0.24
N VAL A 458 0.22 -11.25 -0.25
CA VAL A 458 -0.30 -10.01 -0.86
C VAL A 458 0.56 -8.84 -0.37
N GLY A 459 0.82 -8.82 0.93
CA GLY A 459 1.72 -7.83 1.50
C GLY A 459 2.99 -8.47 2.00
N LYS A 460 4.07 -7.69 1.99
CA LYS A 460 5.33 -8.04 2.62
C LYS A 460 5.40 -7.26 3.92
N ILE A 461 5.43 -7.99 5.03
CA ILE A 461 5.23 -7.41 6.36
C ILE A 461 6.49 -7.66 7.17
N PRO A 462 7.14 -6.57 7.66
CA PRO A 462 8.38 -6.71 8.42
C PRO A 462 8.13 -7.38 9.78
N PRO A 463 9.19 -7.94 10.39
CA PRO A 463 9.04 -8.49 11.72
C PRO A 463 8.85 -7.36 12.74
N THR A 464 8.20 -7.70 13.85
CA THR A 464 8.09 -6.79 14.98
C THR A 464 9.50 -6.54 15.51
N TYR A 465 9.70 -5.35 16.07
CA TYR A 465 10.99 -4.98 16.63
C TYR A 465 10.82 -3.86 17.63
N GLN A 466 11.81 -3.70 18.52
CA GLN A 466 11.83 -2.60 19.49
C GLN A 466 12.79 -1.53 19.02
N ILE A 467 12.46 -0.28 19.30
CA ILE A 467 13.27 0.86 18.93
C ILE A 467 13.14 1.98 20.00
N ARG A 468 14.21 2.76 20.16
CA ARG A 468 14.23 3.95 21.00
C ARG A 468 14.43 5.15 20.09
N PHE A 469 13.66 6.21 20.34
CA PHE A 469 13.93 7.49 19.71
C PHE A 469 14.61 8.42 20.69
N LEU A 470 15.88 8.69 20.46
CA LEU A 470 16.69 9.47 21.40
C LEU A 470 16.79 10.91 20.93
N PRO A 471 16.33 11.86 21.76
CA PRO A 471 16.35 13.28 21.39
C PRO A 471 17.77 13.73 21.10
N ARG A 472 17.95 14.51 20.05
CA ARG A 472 19.27 15.00 19.68
C ARG A 472 19.66 16.18 20.56
N HIS A 473 20.94 16.25 20.91
CA HIS A 473 21.55 17.32 21.73
C HIS A 473 22.05 16.78 23.06
CHA HEM B . -3.75 0.90 -5.41
CHB HEM B . 0.82 0.81 -3.79
CHC HEM B . -0.20 4.28 -0.56
CHD HEM B . -4.80 4.36 -2.10
C1A HEM B . -2.43 0.55 -5.24
C2A HEM B . -1.72 -0.49 -5.95
C3A HEM B . -0.46 -0.52 -5.51
C4A HEM B . -0.32 0.50 -4.50
CMA HEM B . 0.68 -1.47 -5.99
CAA HEM B . -2.36 -1.41 -7.03
CBA HEM B . -2.35 -0.71 -8.39
CGA HEM B . -2.83 -1.68 -9.44
O1A HEM B . -3.99 -2.16 -9.32
O2A HEM B . -2.07 -2.02 -10.38
C1B HEM B . 0.93 1.71 -2.74
C2B HEM B . 2.12 1.91 -1.92
C3B HEM B . 1.83 2.87 -1.04
C4B HEM B . 0.46 3.29 -1.26
CMB HEM B . 3.44 1.12 -2.11
CAB HEM B . 2.68 3.50 0.10
CBB HEM B . 3.98 3.29 0.28
C1C HEM B . -1.53 4.64 -0.70
C2C HEM B . -2.22 5.69 0.01
C3C HEM B . -3.50 5.71 -0.41
C4C HEM B . -3.64 4.67 -1.42
CMC HEM B . -1.56 6.60 1.07
CAC HEM B . -4.67 6.61 0.04
CBC HEM B . -4.61 7.94 -0.11
C1D HEM B . -4.96 3.42 -3.09
C2D HEM B . -6.22 3.13 -3.74
C3D HEM B . -5.91 2.06 -4.78
C4D HEM B . -4.48 1.80 -4.66
CMD HEM B . -7.60 3.76 -3.44
CAD HEM B . -6.90 1.40 -5.76
CBD HEM B . -6.78 2.16 -7.08
CGD HEM B . -7.73 1.62 -8.13
O1D HEM B . -8.23 2.44 -8.94
O2D HEM B . -7.99 0.39 -8.17
NA HEM B . -1.53 1.14 -4.38
NB HEM B . -0.05 2.56 -2.32
NC HEM B . -2.41 4.07 -1.58
ND HEM B . -3.96 2.64 -3.68
FE HEM B . -1.95 2.65 -3.03
C1 FRU C . 7.64 5.00 -13.82
C2 FRU C . 6.93 6.07 -12.98
C3 FRU C . 6.69 5.56 -11.56
C4 FRU C . 5.52 6.39 -11.11
C5 FRU C . 4.68 6.45 -12.38
C6 FRU C . 3.94 7.79 -12.45
O1 FRU C . 8.97 4.81 -13.34
O2 FRU C . 7.71 7.27 -12.97
O3 FRU C . 7.85 5.81 -10.73
O4 FRU C . 4.81 5.73 -10.06
O5 FRU C . 5.60 6.33 -13.50
O6 FRU C . 2.83 7.67 -13.35
C7 CM5 D . -5.85 -29.34 -0.49
C8 CM5 D . -4.76 -28.52 0.20
C9 CM5 D . -5.22 -28.02 1.58
C10 CM5 D . -6.53 -27.24 1.47
C11 CM5 D . -7.62 -28.08 0.75
C6 CM5 D . -7.16 -28.55 -0.63
C5 CM5 D . -8.24 -29.42 -1.28
C4 CM5 D . -9.16 -28.61 -2.17
C3 CM5 D . -9.81 -29.48 -3.25
C2 CM5 D . -11.29 -29.13 -3.39
C1 CM5 D . -11.63 -28.74 -4.83
O12 CM5 D . -12.94 -28.14 -4.86
C7 CM5 E . -12.17 4.05 12.02
C8 CM5 E . -12.29 4.08 10.48
C9 CM5 E . -10.91 4.03 9.80
C10 CM5 E . -9.96 5.11 10.35
C11 CM5 E . -9.88 5.09 11.89
C6 CM5 E . -11.27 5.19 12.54
C5 CM5 E . -11.14 5.14 14.06
C4 CM5 E . -12.43 5.51 14.80
C3 CM5 E . -12.22 5.44 16.32
C2 CM5 E . -13.52 5.64 17.10
C1 CM5 E . -14.25 4.31 17.35
O12 CM5 E . -15.13 4.47 18.49
C13 CM5 E . -16.20 3.23 18.46
C18 CM5 E . -16.92 3.17 19.79
O22 CM5 E . -16.09 3.30 20.77
C17 CM5 E . -17.67 1.91 19.93
O21 CM5 E . -18.86 2.56 20.57
O14 CM5 E . -16.50 2.89 17.23
C15 CM5 E . -17.25 1.62 17.24
C19 CM5 E . -18.27 1.71 16.05
O20 CM5 E . -19.15 2.83 16.19
C16 CM5 E . -18.24 1.38 18.52
O23 CM5 E . -19.09 0.30 18.52
C24 CM5 E . -20.55 0.35 18.90
O25 CM5 E . -21.46 0.42 17.64
C26 CM5 E . -22.13 -0.70 16.82
C30 CM5 E . -23.37 -0.40 16.38
O31 CM5 E . -23.44 0.66 15.52
C27 CM5 E . -21.93 -2.16 17.41
O32 CM5 E . -21.83 -3.24 16.52
C28 CM5 E . -20.61 -2.41 18.26
O33 CM5 E . -21.69 -2.99 19.01
C29 CM5 E . -20.04 -1.11 18.99
O34 CM5 E . -18.68 -1.70 19.30
C7 CM5 F . 1.91 -23.06 -1.56
C8 CM5 F . 0.94 -21.87 -1.64
C9 CM5 F . 0.81 -21.13 -0.30
C10 CM5 F . 1.83 -21.65 0.74
C11 CM5 F . 1.71 -23.16 0.97
C6 CM5 F . 1.62 -23.96 -0.34
C5 CM5 F . 2.62 -25.11 -0.31
C4 CM5 F . 1.97 -26.45 -0.69
C3 CM5 F . 2.79 -27.15 -1.77
C2 CM5 F . 3.33 -28.49 -1.25
C1 CM5 F . 4.62 -28.87 -1.97
O12 CM5 F . 5.72 -28.15 -1.38
C3 TMH G . -3.28 -2.05 -0.22
C2 TMH G . -4.39 -2.12 -1.07
C1 TMH G . -5.28 -3.16 -0.85
C6 TMH G . -4.71 -4.54 -0.63
C5 TMH G . -4.22 -3.97 0.78
C4 TMH G . -3.19 -3.03 0.75
C7 TMH G . -5.73 -3.42 0.63
C8 TMH G . -6.74 -4.59 0.73
C9 TMH G . -6.20 -2.10 1.27
C10 TMH G . -4.60 -1.19 -2.07
#